data_9C50
#
_entry.id   9C50
#
_cell.length_a   131.150
_cell.length_b   76.732
_cell.length_c   89.588
_cell.angle_alpha   90.00
_cell.angle_beta   113.77
_cell.angle_gamma   90.00
#
_symmetry.space_group_name_H-M   'C 1 2 1'
#
loop_
_entity.id
_entity.type
_entity.pdbx_description
1 polymer 'Thrombin A-chain'
2 polymer 'Thrombin B-chain'
3 polymer FPF
4 non-polymer 'SODIUM ION'
5 water water
#
loop_
_entity_poly.entity_id
_entity_poly.type
_entity_poly.pdbx_seq_one_letter_code
_entity_poly.pdbx_strand_id
1 'polypeptide(L)' TFGSGEADCGLRPLFEKKSLEDKTERELLESYIDGR A,C
2 'polypeptide(L)'
;IVEGSDAEIGMSPWQVMLFRKSPQELLCGASLISDRWVLTAAHCLLYPPWDKNFTENDLLVRIGKHSRTRYERNIEKISM
LEKIYIHPRYNWRENLDRDIALMKLKKPVAFSDYIHPVCLPDRETAASLLQAGYKGRVTGWGNLKETWTANVGKGQPSVL
QVVNLPIVERPVCKDSTRIRITDNMFCAGYKPDEGKRGDACEGDSGGPFVMKSPFNNRWYQMGIVSWGEGCDRDGKYGFY
THVFRLKKWIQKVIDQFGEYLEDQVDPRLIDGK
;
B,D
3 'polypeptide(L)' FP(PCS) E,F
#
# COMPACT_ATOMS: atom_id res chain seq x y z
N ALA A 7 0.52 -5.97 30.84
CA ALA A 7 1.81 -6.62 30.63
C ALA A 7 2.97 -5.66 30.96
N ASP A 8 3.78 -5.39 29.93
CA ASP A 8 4.82 -4.36 29.95
C ASP A 8 4.28 -3.01 29.42
N CYS A 9 2.96 -2.86 29.39
CA CYS A 9 2.25 -1.88 28.59
C CYS A 9 2.55 -0.44 29.00
N GLY A 10 2.26 0.47 28.08
CA GLY A 10 2.24 1.89 28.34
C GLY A 10 3.58 2.53 28.57
N LEU A 11 4.66 1.77 28.47
CA LEU A 11 6.02 2.29 28.63
C LEU A 11 6.71 2.25 27.26
N ARG A 12 7.12 3.43 26.77
CA ARG A 12 7.57 3.54 25.37
C ARG A 12 9.05 3.25 25.25
N PRO A 13 9.45 2.38 24.30
CA PRO A 13 10.88 2.15 24.06
C PRO A 13 11.72 3.41 23.93
N LEU A 14 11.32 4.35 23.09
CA LEU A 14 12.13 5.53 22.80
C LEU A 14 11.96 6.67 23.82
N PHE A 15 11.11 6.52 24.84
CA PHE A 15 10.95 7.62 25.79
C PHE A 15 11.07 7.15 27.24
N GLU A 16 10.05 6.47 27.76
CA GLU A 16 10.11 6.00 29.14
C GLU A 16 11.29 5.04 29.33
N LYS A 17 11.47 4.09 28.42
CA LYS A 17 12.58 3.16 28.54
C LYS A 17 13.94 3.81 28.30
N LYS A 18 13.99 5.04 27.77
CA LYS A 18 15.25 5.74 27.60
C LYS A 18 15.35 6.97 28.49
N SER A 19 14.50 7.07 29.51
CA SER A 19 14.49 8.22 30.43
C SER A 19 14.51 9.55 29.66
N LEU A 20 13.59 9.67 28.70
CA LEU A 20 13.48 10.85 27.88
C LEU A 20 12.04 11.32 27.82
N GLU A 21 11.84 12.64 28.01
CA GLU A 21 10.47 13.20 28.06
C GLU A 21 9.98 13.56 26.65
N ASP A 22 8.78 13.14 26.29
CA ASP A 22 8.20 13.57 24.97
C ASP A 22 7.96 15.08 25.07
N LYS A 23 8.07 15.79 23.95
CA LYS A 23 7.97 17.28 23.87
C LYS A 23 6.83 17.93 24.67
N THR A 24 5.66 17.27 24.82
CA THR A 24 4.50 17.93 25.42
C THR A 24 3.82 17.18 26.57
N GLU A 25 4.35 16.01 27.00
CA GLU A 25 3.67 15.27 28.07
C GLU A 25 3.60 16.09 29.36
N ARG A 26 4.55 16.99 29.56
CA ARG A 26 4.50 17.85 30.74
C ARG A 26 3.21 18.64 30.80
N GLU A 27 2.61 18.95 29.65
CA GLU A 27 1.31 19.62 29.63
C GLU A 27 0.26 18.77 30.33
N LEU A 28 0.28 17.46 30.08
CA LEU A 28 -0.64 16.54 30.75
C LEU A 28 -0.38 16.50 32.26
N LEU A 29 0.88 16.26 32.63
CA LEU A 29 1.24 16.22 34.05
C LEU A 29 0.78 17.48 34.78
N GLU A 30 1.06 18.65 34.20
CA GLU A 30 0.70 19.89 34.87
C GLU A 30 -0.80 20.12 34.87
N SER A 31 -1.54 19.56 33.91
CA SER A 31 -2.98 19.59 34.02
C SER A 31 -3.48 18.79 35.22
N TYR A 32 -2.77 17.70 35.57
CA TYR A 32 -3.17 16.80 36.69
C TYR A 32 -2.87 17.49 38.01
N ILE A 33 -3.69 18.48 38.39
CA ILE A 33 -3.40 19.26 39.62
C ILE A 33 -4.75 19.65 40.27
N ILE B 1 -6.88 15.22 12.86
CA ILE B 1 -6.52 16.09 13.96
C ILE B 1 -6.43 17.52 13.46
N VAL B 2 -7.21 18.42 14.06
CA VAL B 2 -7.18 19.84 13.75
C VAL B 2 -6.37 20.57 14.83
N GLU B 3 -5.49 21.48 14.40
CA GLU B 3 -4.69 22.33 15.29
C GLU B 3 -3.71 21.55 16.15
N GLY B 4 -3.28 20.39 15.68
CA GLY B 4 -2.25 19.60 16.32
C GLY B 4 -0.88 19.87 15.72
N SER B 5 0.03 18.93 15.95
CA SER B 5 1.37 19.01 15.39
C SER B 5 1.87 17.61 15.06
N ASP B 6 3.08 17.53 14.51
CA ASP B 6 3.67 16.25 14.12
C ASP B 6 4.11 15.47 15.35
N ALA B 7 3.69 14.21 15.45
CA ALA B 7 4.19 13.35 16.51
C ALA B 7 5.68 13.13 16.32
N GLU B 8 6.39 12.97 17.44
CA GLU B 8 7.75 12.49 17.32
C GLU B 8 7.73 11.01 16.96
N ILE B 9 8.85 10.54 16.43
CA ILE B 9 8.97 9.13 16.12
C ILE B 9 8.96 8.33 17.41
N GLY B 10 8.10 7.31 17.46
CA GLY B 10 7.98 6.47 18.63
C GLY B 10 7.14 7.04 19.74
N MET B 11 6.55 8.21 19.53
CA MET B 11 5.73 8.87 20.55
C MET B 11 4.48 8.07 20.90
N SER B 12 3.93 7.34 19.93
CA SER B 12 2.64 6.67 20.07
C SER B 12 2.73 5.25 19.47
N PRO B 13 3.60 4.41 20.04
CA PRO B 13 3.88 3.11 19.39
C PRO B 13 2.69 2.14 19.34
N TRP B 14 1.57 2.48 19.96
CA TRP B 14 0.37 1.65 19.91
C TRP B 14 -0.54 2.07 18.77
N GLN B 15 -0.15 3.07 18.00
CA GLN B 15 -1.01 3.56 16.93
C GLN B 15 -1.11 2.52 15.81
N VAL B 16 -2.33 2.26 15.34
CA VAL B 16 -2.58 1.31 14.27
C VAL B 16 -3.43 2.01 13.22
N MET B 17 -3.14 1.73 11.95
CA MET B 17 -3.96 2.16 10.84
C MET B 17 -4.85 1.01 10.41
N LEU B 18 -6.11 1.33 10.10
CA LEU B 18 -7.08 0.34 9.64
C LEU B 18 -7.49 0.70 8.23
N PHE B 19 -7.23 -0.23 7.31
CA PHE B 19 -7.48 -0.09 5.89
C PHE B 19 -8.59 -1.02 5.44
N ARG B 20 -9.39 -0.54 4.52
CA ARG B 20 -10.08 -1.43 3.62
C ARG B 20 -9.06 -2.04 2.68
N LYS B 21 -9.20 -3.34 2.39
CA LYS B 21 -8.27 -4.06 1.52
C LYS B 21 -8.50 -3.70 0.06
N SER B 22 -9.74 -3.78 -0.41
CA SER B 22 -10.04 -3.64 -1.83
C SER B 22 -11.24 -2.71 -2.06
N PRO B 23 -11.01 -1.53 -2.64
CA PRO B 23 -9.71 -0.87 -2.92
C PRO B 23 -9.07 -0.41 -1.60
N GLN B 24 -7.75 -0.53 -1.52
CA GLN B 24 -7.01 -0.07 -0.35
C GLN B 24 -7.31 1.38 -0.02
N GLU B 25 -7.82 1.62 1.19
CA GLU B 25 -7.91 2.97 1.69
C GLU B 25 -7.83 2.98 3.21
N LEU B 26 -7.10 3.97 3.74
CA LEU B 26 -7.13 4.28 5.16
C LEU B 26 -8.54 4.65 5.56
N LEU B 27 -9.16 3.82 6.39
CA LEU B 27 -10.49 4.08 6.91
C LEU B 27 -10.43 4.73 8.28
N CYS B 28 -9.59 4.20 9.18
CA CYS B 28 -9.67 4.62 10.58
C CYS B 28 -8.34 4.46 11.30
N GLY B 29 -8.30 4.99 12.52
CA GLY B 29 -7.26 4.66 13.47
C GLY B 29 -7.68 3.53 14.40
N ALA B 30 -6.74 3.13 15.25
CA ALA B 30 -6.93 2.00 16.16
C ALA B 30 -5.73 1.96 17.08
N SER B 31 -5.79 1.10 18.09
CA SER B 31 -4.67 1.03 19.04
C SER B 31 -4.32 -0.42 19.34
N LEU B 32 -3.06 -0.63 19.72
CA LEU B 32 -2.54 -1.95 20.04
C LEU B 32 -2.60 -2.13 21.55
N ILE B 33 -3.27 -3.18 22.00
CA ILE B 33 -3.38 -3.47 23.42
C ILE B 33 -2.65 -4.73 23.83
N SER B 34 -2.25 -5.57 22.87
CA SER B 34 -1.38 -6.72 23.08
C SER B 34 -0.73 -7.04 21.74
N ASP B 35 -0.01 -8.16 21.69
CA ASP B 35 0.66 -8.53 20.45
C ASP B 35 -0.39 -8.98 19.45
N ARG B 36 -1.63 -9.32 19.88
CA ARG B 36 -2.61 -9.90 18.92
C ARG B 36 -3.96 -9.17 18.86
N TRP B 37 -4.26 -8.32 19.83
CA TRP B 37 -5.48 -7.53 19.89
C TRP B 37 -5.42 -6.05 19.62
N VAL B 38 -6.32 -5.56 18.77
CA VAL B 38 -6.34 -4.17 18.37
C VAL B 38 -7.74 -3.62 18.67
N LEU B 39 -7.76 -2.43 19.24
CA LEU B 39 -8.98 -1.70 19.59
C LEU B 39 -9.30 -0.67 18.52
N THR B 40 -10.60 -0.43 18.28
CA THR B 40 -11.02 0.62 17.34
C THR B 40 -12.47 0.97 17.62
N ALA B 41 -13.00 1.87 16.79
CA ALA B 41 -14.39 2.30 16.89
C ALA B 41 -15.27 1.39 16.05
N ALA B 42 -16.48 1.11 16.56
CA ALA B 42 -17.38 0.19 15.89
C ALA B 42 -17.87 0.73 14.55
N HIS B 43 -18.18 2.02 14.46
CA HIS B 43 -18.72 2.55 13.20
C HIS B 43 -17.67 2.55 12.09
N CYS B 44 -16.39 2.44 12.45
CA CYS B 44 -15.36 2.24 11.44
C CYS B 44 -15.61 0.95 10.68
N LEU B 45 -16.16 -0.04 11.37
CA LEU B 45 -16.41 -1.36 10.73
C LEU B 45 -17.86 -1.41 10.24
N LEU B 46 -18.82 -1.14 11.12
CA LEU B 46 -20.27 -1.27 10.76
C LEU B 46 -20.99 0.06 10.92
N TYR B 47 -21.60 0.58 9.82
CA TYR B 47 -22.40 1.83 9.88
C TYR B 47 -23.41 1.70 8.73
N PRO B 48 -24.58 1.01 8.88
CA PRO B 48 -25.47 0.74 7.74
C PRO B 48 -25.90 1.98 6.97
N PRO B 49 -26.32 3.08 7.64
CA PRO B 49 -26.81 4.24 6.86
C PRO B 49 -25.84 4.71 5.79
N TRP B 50 -24.55 4.40 5.92
CA TRP B 50 -23.54 4.75 4.92
C TRP B 50 -23.09 3.54 4.10
N ASP B 51 -23.76 2.40 4.24
CA ASP B 51 -23.43 1.15 3.55
C ASP B 51 -22.09 0.59 3.99
N LYS B 52 -21.86 0.57 5.31
CA LYS B 52 -20.64 -0.01 5.88
C LYS B 52 -20.98 -1.26 6.69
N ASN B 53 -20.44 -2.41 6.27
CA ASN B 53 -20.54 -3.66 7.03
C ASN B 53 -19.34 -4.52 6.63
N PHE B 54 -18.16 -4.13 7.14
CA PHE B 54 -16.92 -4.87 6.87
C PHE B 54 -16.81 -6.08 7.78
N THR B 55 -16.20 -7.14 7.27
CA THR B 55 -15.82 -8.28 8.09
C THR B 55 -14.29 -8.47 8.01
N GLU B 56 -13.82 -9.57 8.61
CA GLU B 56 -12.39 -9.85 8.68
C GLU B 56 -11.73 -9.75 7.31
N ASN B 57 -12.36 -10.29 6.27
CA ASN B 57 -11.72 -10.38 4.97
C ASN B 57 -11.65 -9.07 4.23
N ASP B 58 -12.37 -8.05 4.67
CA ASP B 58 -12.40 -6.79 3.95
C ASP B 58 -11.35 -5.79 4.43
N LEU B 59 -10.59 -6.12 5.45
CA LEU B 59 -9.78 -5.13 6.15
C LEU B 59 -8.38 -5.68 6.39
N LEU B 60 -7.45 -4.75 6.58
CA LEU B 60 -6.12 -5.07 7.10
C LEU B 60 -5.69 -3.93 8.01
N VAL B 61 -4.64 -4.19 8.80
CA VAL B 61 -4.09 -3.17 9.67
C VAL B 61 -2.60 -3.02 9.43
N ARG B 62 -2.10 -1.83 9.73
CA ARG B 62 -0.67 -1.52 9.68
C ARG B 62 -0.25 -0.97 11.02
N ILE B 63 0.90 -1.42 11.49
CA ILE B 63 1.36 -1.13 12.83
C ILE B 63 2.75 -0.52 12.72
N GLY B 64 3.03 0.46 13.56
CA GLY B 64 4.37 0.98 13.71
C GLY B 64 4.74 2.10 12.76
N LYS B 65 3.76 2.70 12.09
CA LYS B 65 4.03 3.68 11.05
C LYS B 65 4.13 5.09 11.63
N HIS B 66 4.82 5.95 10.90
CA HIS B 66 4.94 7.36 11.24
C HIS B 66 4.41 8.24 10.11
N SER B 67 4.95 8.10 8.91
CA SER B 67 4.47 8.81 7.72
C SER B 67 3.25 8.10 7.14
N ARG B 68 2.23 8.89 6.78
CA ARG B 68 1.03 8.31 6.18
C ARG B 68 1.34 7.54 4.90
N THR B 69 2.21 8.06 4.05
CA THR B 69 2.42 7.50 2.72
C THR B 69 3.67 6.64 2.65
N ARG B 70 4.84 7.26 2.83
CA ARG B 70 6.11 6.60 2.57
C ARG B 70 6.29 5.32 3.38
N TYR B 71 6.83 4.30 2.72
CA TYR B 71 7.11 3.01 3.35
C TYR B 71 8.33 3.13 4.25
N GLU B 72 8.28 2.46 5.41
CA GLU B 72 9.31 2.60 6.44
C GLU B 72 9.95 1.22 6.64
N ARG B 73 10.99 0.95 5.84
CA ARG B 73 11.66 -0.38 5.80
C ARG B 73 12.03 -0.91 7.19
N ASN B 74 11.67 -2.16 7.46
CA ASN B 74 11.99 -2.84 8.71
C ASN B 74 11.32 -2.22 9.93
N ILE B 75 10.49 -1.19 9.75
CA ILE B 75 9.78 -0.57 10.88
C ILE B 75 8.33 -1.03 10.89
N GLU B 76 7.60 -0.73 9.82
CA GLU B 76 6.17 -0.98 9.83
C GLU B 76 5.89 -2.44 9.56
N LYS B 77 4.80 -2.92 10.14
CA LYS B 77 4.37 -4.30 9.98
C LYS B 77 2.92 -4.30 9.51
N ILE B 78 2.60 -5.27 8.69
CA ILE B 78 1.25 -5.42 8.16
C ILE B 78 0.65 -6.67 8.79
N SER B 79 -0.67 -6.63 9.02
CA SER B 79 -1.37 -7.82 9.51
C SER B 79 -2.78 -7.89 8.97
N MET B 80 -3.24 -9.13 8.80
CA MET B 80 -4.60 -9.45 8.46
C MET B 80 -5.39 -9.68 9.74
N LEU B 81 -6.71 -9.79 9.60
CA LEU B 81 -7.58 -9.93 10.75
C LEU B 81 -8.17 -11.33 10.81
N GLU B 82 -8.00 -12.00 11.96
CA GLU B 82 -8.64 -13.27 12.20
C GLU B 82 -10.10 -13.10 12.60
N LYS B 83 -10.38 -12.17 13.52
CA LYS B 83 -11.77 -12.04 13.94
C LYS B 83 -12.11 -10.60 14.28
N ILE B 84 -13.38 -10.22 14.02
CA ILE B 84 -13.95 -8.90 14.33
C ILE B 84 -15.04 -9.09 15.39
N TYR B 85 -15.05 -8.24 16.42
CA TYR B 85 -16.07 -8.31 17.47
C TYR B 85 -16.64 -6.92 17.74
N ILE B 86 -17.89 -6.70 17.34
CA ILE B 86 -18.61 -5.47 17.66
C ILE B 86 -19.33 -5.65 18.99
N HIS B 87 -19.42 -4.59 19.78
CA HIS B 87 -20.24 -4.65 20.98
C HIS B 87 -21.68 -4.96 20.55
N PRO B 88 -22.35 -5.95 21.16
CA PRO B 88 -23.71 -6.30 20.74
C PRO B 88 -24.73 -5.20 21.00
N ARG B 89 -24.46 -4.27 21.92
CA ARG B 89 -25.38 -3.18 22.21
C ARG B 89 -24.92 -1.85 21.58
N TYR B 90 -24.05 -1.91 20.58
CA TYR B 90 -23.70 -0.74 19.78
C TYR B 90 -24.92 -0.18 19.06
N ASN B 91 -25.17 1.11 19.25
CA ASN B 91 -26.38 1.79 18.80
C ASN B 91 -26.04 2.80 17.70
N TRP B 92 -26.01 2.35 16.45
CA TRP B 92 -25.72 3.22 15.32
C TRP B 92 -26.96 3.95 14.80
N ARG B 93 -28.13 3.56 15.28
CA ARG B 93 -29.37 4.18 14.76
C ARG B 93 -29.65 5.46 15.55
N GLU B 94 -29.07 5.61 16.76
CA GLU B 94 -29.38 6.73 17.62
C GLU B 94 -28.18 7.66 17.74
N ASN B 95 -27.13 7.22 18.44
CA ASN B 95 -26.11 8.15 18.90
C ASN B 95 -24.72 7.52 18.98
N LEU B 96 -24.49 6.39 18.31
CA LEU B 96 -23.21 5.68 18.38
C LEU B 96 -22.85 5.26 19.81
N ASP B 97 -23.86 4.99 20.64
CA ASP B 97 -23.58 4.52 22.00
C ASP B 97 -22.83 3.20 21.93
N ARG B 98 -21.79 3.09 22.76
CA ARG B 98 -20.92 1.91 22.81
C ARG B 98 -20.21 1.72 21.47
N ASP B 99 -19.61 2.82 20.97
CA ASP B 99 -18.91 2.79 19.68
C ASP B 99 -17.54 2.18 19.89
N ILE B 100 -17.50 0.85 19.96
CA ILE B 100 -16.28 0.12 20.29
C ILE B 100 -16.22 -1.18 19.51
N ALA B 101 -14.99 -1.62 19.22
CA ALA B 101 -14.81 -2.85 18.46
C ALA B 101 -13.43 -3.42 18.72
N LEU B 102 -13.35 -4.75 18.68
CA LEU B 102 -12.11 -5.47 18.86
C LEU B 102 -11.76 -6.27 17.61
N MET B 103 -10.48 -6.26 17.24
CA MET B 103 -10.02 -7.05 16.11
C MET B 103 -8.84 -7.89 16.54
N LYS B 104 -8.96 -9.21 16.32
CA LYS B 104 -7.91 -10.18 16.60
C LYS B 104 -7.14 -10.43 15.32
N LEU B 105 -5.83 -10.20 15.37
CA LEU B 105 -4.93 -10.35 14.24
C LEU B 105 -4.63 -11.81 13.90
N LYS B 106 -4.48 -12.11 12.61
CA LYS B 106 -4.11 -13.46 12.19
C LYS B 106 -2.79 -13.89 12.79
N LYS B 107 -1.81 -12.98 12.83
CA LYS B 107 -0.49 -13.30 13.33
C LYS B 107 -0.07 -12.24 14.34
N PRO B 108 0.35 -12.67 15.53
CA PRO B 108 0.88 -11.71 16.50
C PRO B 108 2.01 -10.89 15.90
N VAL B 109 2.03 -9.60 16.23
CA VAL B 109 3.08 -8.72 15.76
C VAL B 109 4.18 -8.70 16.80
N ALA B 110 5.41 -8.51 16.33
CA ALA B 110 6.56 -8.44 17.22
C ALA B 110 6.74 -7.00 17.67
N PHE B 111 6.96 -6.81 18.96
CA PHE B 111 7.20 -5.48 19.47
C PHE B 111 8.59 -5.03 19.05
N SER B 112 8.77 -3.73 19.04
CA SER B 112 10.02 -3.11 18.60
C SER B 112 10.06 -1.73 19.24
N ASP B 113 11.06 -0.93 18.87
CA ASP B 113 11.09 0.44 19.33
C ASP B 113 9.87 1.21 18.85
N TYR B 114 9.19 0.73 17.80
CA TYR B 114 8.08 1.44 17.18
C TYR B 114 6.73 0.78 17.37
N ILE B 115 6.69 -0.40 17.97
CA ILE B 115 5.46 -1.18 18.08
C ILE B 115 5.39 -1.66 19.53
N HIS B 116 4.42 -1.16 20.29
CA HIS B 116 4.34 -1.45 21.70
C HIS B 116 2.94 -1.15 22.23
N PRO B 117 2.36 -2.04 23.06
CA PRO B 117 0.97 -1.91 23.47
C PRO B 117 0.73 -0.87 24.57
N VAL B 118 -0.48 -0.30 24.56
CA VAL B 118 -0.93 0.66 25.57
C VAL B 118 -1.68 -0.10 26.66
N CYS B 119 -1.67 0.43 27.88
CA CYS B 119 -2.41 -0.17 28.98
C CYS B 119 -3.89 0.16 28.89
N LEU B 120 -4.73 -0.81 29.30
CA LEU B 120 -6.11 -0.47 29.59
C LEU B 120 -6.25 -0.08 31.05
N PRO B 121 -7.13 0.86 31.39
CA PRO B 121 -7.18 1.33 32.77
C PRO B 121 -7.96 0.38 33.67
N ASP B 122 -7.43 0.23 34.89
CA ASP B 122 -8.15 -0.39 35.99
C ASP B 122 -9.09 0.65 36.61
N ARG B 123 -9.83 0.24 37.63
CA ARG B 123 -10.83 1.13 38.20
C ARG B 123 -10.20 2.35 38.84
N GLU B 124 -9.19 2.13 39.69
CA GLU B 124 -8.55 3.24 40.38
C GLU B 124 -7.97 4.24 39.39
N THR B 125 -7.28 3.75 38.37
CA THR B 125 -6.69 4.64 37.37
C THR B 125 -7.77 5.48 36.69
N ALA B 126 -8.88 4.84 36.29
CA ALA B 126 -9.96 5.58 35.63
C ALA B 126 -10.60 6.62 36.56
N ALA B 127 -10.79 6.27 37.83
CA ALA B 127 -11.37 7.23 38.75
C ALA B 127 -10.44 8.41 38.95
N SER B 128 -9.12 8.15 38.98
CA SER B 128 -8.14 9.19 39.21
C SER B 128 -7.95 10.11 38.00
N LEU B 129 -7.97 9.56 36.78
CA LEU B 129 -7.56 10.32 35.60
C LEU B 129 -8.72 10.93 34.80
N LEU B 130 -9.88 10.30 34.73
CA LEU B 130 -11.00 10.85 33.95
C LEU B 130 -11.71 11.94 34.73
N GLN B 131 -11.01 13.04 34.93
CA GLN B 131 -11.51 14.13 35.74
C GLN B 131 -11.57 15.36 34.83
N ALA B 132 -12.66 16.12 34.89
CA ALA B 132 -12.75 17.37 34.12
C ALA B 132 -11.53 18.27 34.33
N GLY B 133 -11.08 18.92 33.26
CA GLY B 133 -9.89 19.76 33.33
C GLY B 133 -8.59 19.01 33.14
N TYR B 134 -8.57 17.72 33.47
CA TYR B 134 -7.39 16.91 33.21
C TYR B 134 -7.25 16.67 31.71
N LYS B 135 -6.01 16.70 31.24
CA LYS B 135 -5.74 16.63 29.81
C LYS B 135 -5.30 15.23 29.40
N GLY B 136 -5.81 14.79 28.25
CA GLY B 136 -5.35 13.62 27.56
C GLY B 136 -4.80 13.98 26.19
N ARG B 137 -4.41 12.93 25.45
CA ARG B 137 -3.76 13.10 24.15
C ARG B 137 -4.46 12.27 23.09
N VAL B 138 -4.66 12.87 21.91
CA VAL B 138 -5.34 12.26 20.77
C VAL B 138 -4.41 12.28 19.58
N THR B 139 -4.40 11.17 18.83
CA THR B 139 -3.49 10.94 17.71
C THR B 139 -4.22 10.36 16.53
N GLY B 140 -3.85 10.79 15.33
CA GLY B 140 -4.46 10.21 14.15
C GLY B 140 -3.90 10.78 12.86
N TRP B 141 -4.21 10.07 11.76
CA TRP B 141 -3.96 10.48 10.39
C TRP B 141 -5.18 11.08 9.72
N GLY B 142 -6.22 11.41 10.49
CA GLY B 142 -7.42 12.01 9.94
C GLY B 142 -7.21 13.44 9.44
N ASN B 143 -8.31 14.03 8.97
CA ASN B 143 -8.31 15.34 8.34
C ASN B 143 -7.75 16.42 9.25
N LEU B 144 -7.02 17.37 8.64
CA LEU B 144 -6.49 18.52 9.34
C LEU B 144 -7.49 19.65 9.46
N LYS B 145 -8.51 19.67 8.61
CA LYS B 145 -9.55 20.70 8.64
C LYS B 145 -10.89 20.05 8.35
N GLU B 146 -11.95 20.74 8.75
CA GLU B 146 -13.30 20.35 8.37
C GLU B 146 -13.49 20.45 6.86
N THR B 147 -13.90 19.34 6.23
CA THR B 147 -14.02 19.23 4.76
C THR B 147 -14.61 20.48 4.07
N GLY B 155 -5.33 18.56 2.81
CA GLY B 155 -6.14 18.20 3.95
C GLY B 155 -5.74 16.97 4.75
N GLN B 156 -4.91 16.09 4.17
CA GLN B 156 -4.49 14.87 4.84
C GLN B 156 -3.05 14.97 5.24
N PRO B 157 -2.71 14.71 6.51
CA PRO B 157 -1.34 14.94 6.96
C PRO B 157 -0.38 13.94 6.35
N SER B 158 0.88 14.35 6.31
CA SER B 158 1.94 13.45 5.87
C SER B 158 2.40 12.55 7.00
N VAL B 159 2.45 13.06 8.23
CA VAL B 159 2.83 12.27 9.38
C VAL B 159 1.75 12.35 10.45
N LEU B 160 1.76 11.34 11.33
CA LEU B 160 0.80 11.23 12.41
C LEU B 160 0.67 12.54 13.18
N GLN B 161 -0.56 12.96 13.46
CA GLN B 161 -0.81 14.18 14.20
C GLN B 161 -1.20 13.86 15.64
N VAL B 162 -0.88 14.80 16.54
CA VAL B 162 -1.05 14.64 17.98
C VAL B 162 -1.53 15.97 18.57
N VAL B 163 -2.39 15.89 19.59
CA VAL B 163 -2.90 17.09 20.26
C VAL B 163 -3.35 16.72 21.66
N ASN B 164 -3.08 17.62 22.61
CA ASN B 164 -3.49 17.48 23.99
C ASN B 164 -4.77 18.29 24.22
N LEU B 165 -5.74 17.68 24.89
CA LEU B 165 -7.05 18.28 25.09
C LEU B 165 -7.58 17.97 26.49
N PRO B 166 -8.20 18.95 27.14
CA PRO B 166 -8.78 18.72 28.46
C PRO B 166 -10.12 18.01 28.39
N ILE B 167 -10.32 17.10 29.34
CA ILE B 167 -11.64 16.52 29.59
C ILE B 167 -12.61 17.58 30.05
N VAL B 168 -13.86 17.48 29.61
CA VAL B 168 -14.88 18.49 29.88
C VAL B 168 -15.92 17.95 30.83
N GLU B 169 -16.36 18.80 31.77
CA GLU B 169 -17.49 18.51 32.67
C GLU B 169 -18.69 17.97 31.89
N ARG B 170 -19.32 16.95 32.45
CA ARG B 170 -20.44 16.30 31.76
C ARG B 170 -21.61 17.24 31.42
N PRO B 171 -22.00 18.20 32.27
CA PRO B 171 -23.06 19.13 31.86
C PRO B 171 -22.72 19.99 30.66
N VAL B 172 -21.50 20.49 30.57
CA VAL B 172 -21.10 21.23 29.38
C VAL B 172 -21.24 20.36 28.13
N CYS B 173 -20.77 19.10 28.21
CA CYS B 173 -20.94 18.15 27.13
C CYS B 173 -22.42 17.98 26.76
N LYS B 174 -23.28 17.83 27.77
CA LYS B 174 -24.70 17.63 27.49
C LYS B 174 -25.28 18.84 26.75
N ASP B 175 -24.98 20.05 27.25
CA ASP B 175 -25.53 21.27 26.64
C ASP B 175 -24.90 21.63 25.31
N SER B 176 -23.78 20.99 24.93
CA SER B 176 -23.12 21.37 23.68
C SER B 176 -23.79 20.76 22.45
N THR B 177 -24.64 19.76 22.63
CA THR B 177 -25.22 19.05 21.51
C THR B 177 -26.64 18.63 21.88
N ARG B 178 -27.49 18.51 20.86
CA ARG B 178 -28.82 17.98 21.02
C ARG B 178 -28.86 16.46 20.84
N ILE B 179 -27.74 15.87 20.41
CA ILE B 179 -27.65 14.42 20.37
C ILE B 179 -27.66 13.89 21.81
N ARG B 180 -28.41 12.82 22.05
CA ARG B 180 -28.48 12.25 23.39
C ARG B 180 -27.17 11.54 23.72
N ILE B 181 -26.41 12.08 24.67
CA ILE B 181 -25.16 11.46 25.09
C ILE B 181 -25.44 10.46 26.20
N THR B 182 -24.51 9.54 26.42
CA THR B 182 -24.67 8.48 27.39
C THR B 182 -23.43 8.43 28.27
N ASP B 183 -23.53 7.65 29.34
CA ASP B 183 -22.41 7.49 30.26
C ASP B 183 -21.27 6.69 29.64
N ASN B 184 -21.48 6.12 28.46
CA ASN B 184 -20.44 5.42 27.72
C ASN B 184 -19.64 6.38 26.86
N MET B 185 -19.89 7.68 27.00
CA MET B 185 -19.22 8.71 26.26
C MET B 185 -18.60 9.71 27.22
N PHE B 186 -17.50 10.32 26.79
CA PHE B 186 -17.05 11.55 27.40
C PHE B 186 -16.62 12.48 26.27
N CYS B 187 -16.59 13.77 26.57
CA CYS B 187 -16.21 14.73 25.57
C CYS B 187 -15.00 15.53 26.06
N ALA B 188 -14.27 16.10 25.11
CA ALA B 188 -13.04 16.80 25.41
C ALA B 188 -12.80 17.87 24.35
N GLY B 189 -11.93 18.82 24.72
CA GLY B 189 -11.69 20.00 23.94
C GLY B 189 -11.68 21.26 24.78
N TYR B 190 -11.16 22.33 24.21
CA TYR B 190 -11.12 23.62 24.85
C TYR B 190 -12.44 24.38 24.69
N LYS B 191 -12.80 25.12 25.72
CA LYS B 191 -13.91 26.04 25.67
C LYS B 191 -13.52 27.28 24.86
N PRO B 192 -14.50 28.04 24.34
CA PRO B 192 -14.12 29.24 23.57
C PRO B 192 -13.29 30.21 24.39
N ASP B 193 -13.53 30.25 25.71
CA ASP B 193 -12.85 31.19 26.58
C ASP B 193 -11.37 30.86 26.74
N GLU B 194 -11.00 29.58 26.64
CA GLU B 194 -9.65 29.19 27.01
C GLU B 194 -8.62 29.54 25.96
N GLY B 195 -9.02 30.08 24.82
CA GLY B 195 -8.07 30.61 23.85
C GLY B 195 -7.07 29.66 23.20
N LYS B 196 -7.18 28.35 23.43
CA LYS B 196 -6.50 27.34 22.63
C LYS B 196 -7.52 26.53 21.84
N ARG B 197 -7.02 25.83 20.83
CA ARG B 197 -7.87 25.04 19.95
C ARG B 197 -7.32 23.62 19.85
N GLY B 198 -8.00 22.81 19.03
CA GLY B 198 -7.65 21.39 18.89
C GLY B 198 -8.88 20.50 18.87
N ASP B 199 -8.84 19.43 18.08
CA ASP B 199 -9.96 18.51 17.97
C ASP B 199 -9.56 17.32 17.12
N ALA B 200 -10.29 16.23 17.29
CA ALA B 200 -10.24 15.16 16.31
C ALA B 200 -11.12 15.55 15.12
N CYS B 201 -11.02 14.78 14.03
CA CYS B 201 -11.84 15.10 12.88
C CYS B 201 -12.14 13.81 12.12
N GLU B 202 -12.87 13.96 11.01
CA GLU B 202 -13.24 12.80 10.21
C GLU B 202 -12.01 12.02 9.82
N GLY B 203 -12.03 10.72 10.06
CA GLY B 203 -10.90 9.85 9.79
C GLY B 203 -10.13 9.45 11.01
N ASP B 204 -10.21 10.25 12.08
CA ASP B 204 -9.51 9.92 13.32
C ASP B 204 -10.25 8.87 14.16
N SER B 205 -11.48 8.50 13.80
CA SER B 205 -12.25 7.52 14.56
C SER B 205 -11.44 6.25 14.80
N GLY B 206 -11.58 5.70 16.01
CA GLY B 206 -10.82 4.54 16.41
C GLY B 206 -9.46 4.85 17.02
N GLY B 207 -8.96 6.06 16.87
CA GLY B 207 -7.72 6.46 17.53
C GLY B 207 -7.87 6.53 19.03
N PRO B 208 -6.74 6.49 19.74
CA PRO B 208 -6.81 6.47 21.20
C PRO B 208 -6.78 7.86 21.81
N PHE B 209 -7.54 7.99 22.91
CA PHE B 209 -7.40 9.09 23.83
C PHE B 209 -6.59 8.53 25.00
N VAL B 210 -5.36 9.00 25.17
CA VAL B 210 -4.48 8.41 26.17
C VAL B 210 -4.11 9.47 27.20
N MET B 211 -3.69 8.98 28.38
CA MET B 211 -3.27 9.81 29.51
C MET B 211 -2.08 9.12 30.16
N LYS B 212 -1.08 9.90 30.59
CA LYS B 212 0.09 9.33 31.24
C LYS B 212 -0.08 9.43 32.74
N SER B 213 -0.08 8.28 33.42
CA SER B 213 -0.42 8.23 34.84
C SER B 213 0.75 8.75 35.67
N PRO B 214 0.51 9.76 36.53
CA PRO B 214 1.58 10.25 37.40
C PRO B 214 2.00 9.25 38.48
N PHE B 215 1.21 8.20 38.70
CA PHE B 215 1.53 7.23 39.74
C PHE B 215 2.55 6.20 39.27
N ASN B 216 2.46 5.74 38.01
CA ASN B 216 3.38 4.72 37.53
C ASN B 216 3.99 5.03 36.16
N ASN B 217 3.79 6.25 35.64
CA ASN B 217 4.38 6.70 34.37
C ASN B 217 4.01 5.80 33.20
N ARG B 218 2.90 5.08 33.28
CA ARG B 218 2.45 4.27 32.15
C ARG B 218 1.35 5.03 31.44
N TRP B 219 1.25 4.81 30.13
CA TRP B 219 0.20 5.42 29.34
C TRP B 219 -1.02 4.52 29.35
N TYR B 220 -2.20 5.12 29.52
CA TYR B 220 -3.45 4.40 29.57
C TYR B 220 -4.39 4.98 28.54
N GLN B 221 -5.08 4.10 27.82
CA GLN B 221 -6.12 4.52 26.87
C GLN B 221 -7.47 4.67 27.58
N MET B 222 -7.92 5.90 27.77
CA MET B 222 -9.21 6.15 28.36
C MET B 222 -10.33 6.24 27.34
N GLY B 223 -9.99 6.53 26.08
CA GLY B 223 -11.06 6.80 25.14
C GLY B 223 -10.73 6.32 23.75
N ILE B 224 -11.78 6.28 22.93
CA ILE B 224 -11.70 6.00 21.51
C ILE B 224 -12.39 7.14 20.79
N VAL B 225 -11.68 7.77 19.86
CA VAL B 225 -12.28 8.79 19.01
C VAL B 225 -13.55 8.22 18.40
N SER B 226 -14.68 8.87 18.65
CA SER B 226 -15.95 8.34 18.20
C SER B 226 -16.74 9.32 17.29
N TRP B 227 -17.03 10.53 17.75
CA TRP B 227 -17.87 11.37 16.87
C TRP B 227 -17.82 12.84 17.28
N GLY B 228 -18.29 13.67 16.36
CA GLY B 228 -18.46 15.09 16.63
C GLY B 228 -19.29 15.72 15.53
N GLU B 229 -19.62 16.98 15.75
CA GLU B 229 -20.33 17.80 14.77
C GLU B 229 -19.36 18.90 14.29
N GLY B 230 -18.77 18.69 13.13
CA GLY B 230 -17.69 19.54 12.70
C GLY B 230 -16.45 19.25 13.51
N CYS B 231 -15.39 19.97 13.18
CA CYS B 231 -14.11 19.80 13.84
C CYS B 231 -13.63 21.15 14.38
N ASP B 232 -13.26 21.19 15.66
CA ASP B 232 -12.68 22.39 16.26
C ASP B 232 -13.59 23.60 16.15
N ARG B 233 -14.91 23.40 16.17
CA ARG B 233 -15.85 24.51 16.18
C ARG B 233 -16.02 25.03 17.61
N ASP B 234 -16.11 26.36 17.73
CA ASP B 234 -16.28 26.97 19.05
C ASP B 234 -17.57 26.50 19.69
N GLY B 235 -17.50 26.13 20.97
CA GLY B 235 -18.65 25.62 21.69
C GLY B 235 -18.98 24.16 21.46
N LYS B 236 -18.34 23.51 20.49
CA LYS B 236 -18.48 22.07 20.31
C LYS B 236 -17.28 21.33 20.86
N TYR B 237 -17.45 20.03 21.07
CA TYR B 237 -16.42 19.20 21.65
C TYR B 237 -16.41 17.86 20.93
N GLY B 238 -15.25 17.21 20.87
CA GLY B 238 -15.21 15.85 20.36
C GLY B 238 -15.64 14.84 21.42
N PHE B 239 -16.22 13.73 20.96
CA PHE B 239 -16.78 12.71 21.85
C PHE B 239 -16.06 11.38 21.63
N TYR B 240 -15.78 10.73 22.75
CA TYR B 240 -14.90 9.58 22.86
C TYR B 240 -15.61 8.47 23.61
N THR B 241 -15.46 7.25 23.06
CA THR B 241 -15.97 6.07 23.73
C THR B 241 -15.25 5.90 25.05
N HIS B 242 -16.01 5.70 26.12
CA HIS B 242 -15.48 5.58 27.48
C HIS B 242 -14.92 4.17 27.62
N VAL B 243 -13.59 4.04 27.56
CA VAL B 243 -13.01 2.70 27.46
C VAL B 243 -13.27 1.90 28.72
N PHE B 244 -13.09 2.52 29.91
CA PHE B 244 -13.23 1.73 31.13
C PHE B 244 -14.64 1.18 31.28
N ARG B 245 -15.65 1.98 30.94
CA ARG B 245 -17.03 1.55 31.12
C ARG B 245 -17.32 0.25 30.38
N LEU B 246 -16.58 -0.02 29.31
CA LEU B 246 -16.78 -1.24 28.53
C LEU B 246 -15.67 -2.25 28.75
N LYS B 247 -14.78 -2.03 29.74
CA LYS B 247 -13.62 -2.91 29.90
C LYS B 247 -14.05 -4.34 30.17
N LYS B 248 -15.10 -4.49 30.98
CA LYS B 248 -15.71 -5.80 31.22
C LYS B 248 -15.83 -6.54 29.88
N TRP B 249 -16.54 -5.92 28.93
CA TRP B 249 -16.74 -6.53 27.63
C TRP B 249 -15.41 -6.90 26.99
N ILE B 250 -14.47 -5.96 26.95
CA ILE B 250 -13.17 -6.24 26.36
C ILE B 250 -12.59 -7.51 26.96
N GLN B 251 -12.46 -7.56 28.30
CA GLN B 251 -11.83 -8.72 28.93
C GLN B 251 -12.59 -9.99 28.58
N LYS B 252 -13.93 -9.93 28.68
CA LYS B 252 -14.74 -11.09 28.34
C LYS B 252 -14.31 -11.64 26.98
N VAL B 253 -14.35 -10.78 25.95
CA VAL B 253 -14.04 -11.22 24.59
C VAL B 253 -12.67 -11.89 24.56
N ILE B 254 -11.67 -11.19 25.09
CA ILE B 254 -10.31 -11.69 24.97
C ILE B 254 -10.17 -13.04 25.69
N ASP B 255 -10.81 -13.18 26.83
CA ASP B 255 -10.68 -14.42 27.57
C ASP B 255 -11.45 -15.54 26.88
N GLN B 256 -12.57 -15.22 26.24
CA GLN B 256 -13.35 -16.27 25.61
C GLN B 256 -12.62 -16.79 24.38
N PHE B 257 -12.02 -15.89 23.61
CA PHE B 257 -11.32 -16.23 22.38
C PHE B 257 -9.83 -15.90 22.49
N ALA C 7 18.17 -18.87 -7.10
CA ALA C 7 18.14 -18.16 -8.36
C ALA C 7 19.34 -17.23 -8.50
N ASP C 8 19.86 -17.22 -9.71
CA ASP C 8 20.85 -16.26 -10.15
C ASP C 8 20.19 -15.01 -10.76
N CYS C 9 18.88 -14.83 -10.57
CA CYS C 9 18.11 -13.91 -11.40
C CYS C 9 18.56 -12.46 -11.21
N GLY C 10 18.25 -11.64 -12.20
CA GLY C 10 18.42 -10.21 -12.04
C GLY C 10 19.84 -9.71 -12.04
N LEU C 11 20.82 -10.59 -12.23
CA LEU C 11 22.21 -10.19 -12.36
C LEU C 11 22.65 -10.45 -13.79
N ARG C 12 23.05 -9.37 -14.50
CA ARG C 12 23.27 -9.52 -15.94
C ARG C 12 24.69 -9.95 -16.25
N PRO C 13 24.87 -11.01 -17.05
CA PRO C 13 26.22 -11.43 -17.44
C PRO C 13 27.10 -10.29 -17.89
N LEU C 14 26.60 -9.41 -18.75
CA LEU C 14 27.42 -8.34 -19.29
C LEU C 14 27.51 -7.09 -18.40
N PHE C 15 26.87 -7.06 -17.22
CA PHE C 15 27.00 -5.85 -16.43
C PHE C 15 27.33 -6.13 -14.97
N GLU C 16 26.35 -6.57 -14.19
CA GLU C 16 26.60 -6.86 -12.78
C GLU C 16 27.72 -7.87 -12.60
N LYS C 17 27.71 -8.94 -13.41
CA LYS C 17 28.69 -10.02 -13.24
C LYS C 17 30.11 -9.63 -13.60
N LYS C 18 30.33 -8.53 -14.33
CA LYS C 18 31.69 -8.06 -14.57
C LYS C 18 31.91 -6.67 -13.98
N SER C 19 31.12 -6.29 -12.99
CA SER C 19 31.24 -5.01 -12.28
C SER C 19 31.29 -3.82 -13.24
N LEU C 20 30.27 -3.73 -14.11
CA LEU C 20 30.11 -2.66 -15.07
C LEU C 20 28.69 -2.07 -15.00
N GLU C 21 28.61 -0.74 -15.02
CA GLU C 21 27.35 0.00 -15.05
C GLU C 21 26.83 0.12 -16.46
N ASP C 22 25.50 0.08 -16.62
CA ASP C 22 24.95 0.52 -17.91
C ASP C 22 24.87 2.06 -17.94
N LYS C 23 24.48 2.62 -19.10
CA LYS C 23 24.52 4.08 -19.31
C LYS C 23 23.56 4.88 -18.42
N THR C 24 22.46 4.28 -17.93
CA THR C 24 21.47 5.10 -17.22
C THR C 24 21.00 4.57 -15.87
N GLU C 25 21.50 3.42 -15.40
CA GLU C 25 21.01 2.90 -14.12
C GLU C 25 21.27 3.87 -12.96
N ARG C 26 22.33 4.69 -13.07
CA ARG C 26 22.59 5.65 -12.01
C ARG C 26 21.40 6.58 -11.81
N GLU C 27 20.65 6.87 -12.88
CA GLU C 27 19.47 7.69 -12.73
C GLU C 27 18.46 7.02 -11.80
N LEU C 28 18.30 5.70 -11.94
CA LEU C 28 17.41 4.97 -11.05
C LEU C 28 17.89 5.09 -9.62
N LEU C 29 19.15 4.75 -9.39
CA LEU C 29 19.74 4.82 -8.06
C LEU C 29 19.48 6.17 -7.40
N GLU C 30 19.76 7.25 -8.13
CA GLU C 30 19.58 8.59 -7.56
C GLU C 30 18.12 8.98 -7.44
N SER C 31 17.24 8.36 -8.22
CA SER C 31 15.81 8.55 -7.98
C SER C 31 15.43 8.06 -6.59
N TYR C 32 16.19 7.11 -6.05
CA TYR C 32 15.87 6.68 -4.68
C TYR C 32 16.07 7.78 -3.64
N ILE C 33 17.05 8.66 -3.82
CA ILE C 33 17.35 9.70 -2.81
C ILE C 33 16.29 10.81 -2.81
N ILE D 1 8.35 2.54 -27.66
CA ILE D 1 8.92 3.41 -26.65
C ILE D 1 9.13 4.82 -27.22
N VAL D 2 8.50 5.82 -26.61
CA VAL D 2 8.62 7.21 -27.04
C VAL D 2 9.64 7.90 -26.15
N GLU D 3 10.52 8.70 -26.77
CA GLU D 3 11.55 9.45 -26.04
C GLU D 3 12.52 8.52 -25.31
N GLY D 4 12.73 7.32 -25.81
CA GLY D 4 13.68 6.41 -25.23
C GLY D 4 15.02 6.50 -25.92
N SER D 5 15.83 5.47 -25.74
CA SER D 5 17.11 5.40 -26.44
C SER D 5 17.43 3.94 -26.74
N ASP D 6 18.52 3.73 -27.47
CA ASP D 6 18.93 2.39 -27.84
C ASP D 6 19.54 1.71 -26.63
N ALA D 7 19.04 0.51 -26.35
CA ALA D 7 19.60 -0.30 -25.29
C ALA D 7 21.02 -0.72 -25.66
N GLU D 8 21.89 -0.81 -24.65
CA GLU D 8 23.14 -1.49 -24.88
C GLU D 8 22.87 -2.99 -24.97
N ILE D 9 23.81 -3.70 -25.58
CA ILE D 9 23.70 -5.15 -25.74
C ILE D 9 23.76 -5.80 -24.39
N GLY D 10 22.83 -6.71 -24.12
CA GLY D 10 22.82 -7.39 -22.84
C GLY D 10 22.29 -6.56 -21.71
N MET D 11 21.80 -5.34 -22.00
CA MET D 11 21.26 -4.47 -20.97
C MET D 11 20.00 -5.06 -20.35
N SER D 12 19.22 -5.81 -21.14
CA SER D 12 17.91 -6.31 -20.72
C SER D 12 17.81 -7.77 -21.13
N PRO D 13 18.68 -8.62 -20.59
CA PRO D 13 18.78 -10.00 -21.12
C PRO D 13 17.53 -10.84 -20.89
N TRP D 14 16.53 -10.35 -20.17
CA TRP D 14 15.28 -11.06 -19.98
C TRP D 14 14.22 -10.66 -21.00
N GLN D 15 14.57 -9.80 -21.95
CA GLN D 15 13.61 -9.31 -22.93
C GLN D 15 13.17 -10.44 -23.85
N VAL D 16 11.87 -10.56 -24.08
CA VAL D 16 11.33 -11.58 -24.96
C VAL D 16 10.42 -10.89 -25.97
N MET D 17 10.48 -11.36 -27.22
CA MET D 17 9.55 -10.96 -28.26
C MET D 17 8.51 -12.04 -28.42
N LEU D 18 7.26 -11.62 -28.60
CA LEU D 18 6.13 -12.49 -28.82
C LEU D 18 5.62 -12.26 -30.24
N PHE D 19 5.68 -13.31 -31.05
CA PHE D 19 5.33 -13.31 -32.46
C PHE D 19 4.09 -14.17 -32.70
N ARG D 20 3.22 -13.67 -33.58
CA ARG D 20 2.28 -14.53 -34.29
C ARG D 20 3.03 -15.36 -35.31
N LYS D 21 2.61 -16.63 -35.47
CA LYS D 21 3.27 -17.54 -36.40
C LYS D 21 2.94 -17.22 -37.86
N SER D 22 1.66 -17.19 -38.19
CA SER D 22 1.26 -17.01 -39.58
C SER D 22 0.09 -16.04 -39.69
N PRO D 23 0.31 -14.86 -40.27
CA PRO D 23 1.61 -14.35 -40.72
C PRO D 23 2.56 -14.03 -39.58
N GLN D 24 3.86 -14.15 -39.82
CA GLN D 24 4.87 -13.79 -38.78
C GLN D 24 4.85 -12.28 -38.50
N GLU D 25 4.31 -11.86 -37.35
CA GLU D 25 4.33 -10.47 -36.95
C GLU D 25 4.64 -10.37 -35.46
N LEU D 26 5.51 -9.41 -35.13
CA LEU D 26 5.75 -9.01 -33.75
C LEU D 26 4.48 -8.51 -33.09
N LEU D 27 3.98 -9.24 -32.10
CA LEU D 27 2.77 -8.82 -31.41
C LEU D 27 3.09 -8.01 -30.17
N CYS D 28 4.04 -8.49 -29.36
CA CYS D 28 4.17 -7.89 -28.04
C CYS D 28 5.58 -8.10 -27.50
N GLY D 29 5.84 -7.42 -26.38
CA GLY D 29 6.98 -7.74 -25.56
C GLY D 29 6.60 -8.76 -24.51
N ALA D 30 7.61 -9.19 -23.74
CA ALA D 30 7.44 -10.22 -22.70
C ALA D 30 8.77 -10.30 -21.96
N SER D 31 8.79 -11.07 -20.87
CA SER D 31 10.03 -11.18 -20.09
C SER D 31 10.27 -12.61 -19.63
N LEU D 32 11.55 -12.94 -19.47
CA LEU D 32 11.98 -14.27 -19.06
C LEU D 32 12.18 -14.28 -17.54
N ILE D 33 11.49 -15.19 -16.85
CA ILE D 33 11.59 -15.30 -15.39
C ILE D 33 12.19 -16.62 -14.94
N SER D 34 12.33 -17.61 -15.81
CA SER D 34 13.06 -18.83 -15.51
C SER D 34 13.48 -19.44 -16.84
N ASP D 35 13.98 -20.68 -16.79
CA ASP D 35 14.35 -21.39 -18.00
C ASP D 35 13.14 -21.72 -18.86
N ARG D 36 11.92 -21.67 -18.30
CA ARG D 36 10.76 -22.12 -19.07
C ARG D 36 9.51 -21.26 -18.90
N TRP D 37 9.59 -20.14 -18.19
CA TRP D 37 8.40 -19.34 -17.93
C TRP D 37 8.62 -17.93 -18.41
N VAL D 38 7.67 -17.45 -19.21
CA VAL D 38 7.73 -16.13 -19.81
C VAL D 38 6.48 -15.38 -19.37
N LEU D 39 6.68 -14.15 -18.92
CA LEU D 39 5.59 -13.30 -18.45
C LEU D 39 5.18 -12.36 -19.59
N THR D 40 3.89 -12.06 -19.68
CA THR D 40 3.44 -11.06 -20.65
C THR D 40 2.06 -10.57 -20.23
N ALA D 41 1.52 -9.64 -21.02
CA ALA D 41 0.21 -9.08 -20.72
C ALA D 41 -0.86 -9.96 -21.33
N ALA D 42 -1.96 -10.10 -20.61
CA ALA D 42 -3.03 -10.96 -21.07
C ALA D 42 -3.63 -10.46 -22.38
N HIS D 43 -3.77 -9.13 -22.54
CA HIS D 43 -4.45 -8.66 -23.75
C HIS D 43 -3.65 -8.89 -25.02
N CYS D 44 -2.34 -9.16 -24.91
CA CYS D 44 -1.56 -9.56 -26.07
C CYS D 44 -2.05 -10.88 -26.66
N LEU D 45 -2.64 -11.74 -25.82
CA LEU D 45 -3.10 -13.04 -26.23
C LEU D 45 -4.59 -13.09 -26.45
N LEU D 46 -5.36 -12.42 -25.59
CA LEU D 46 -6.81 -12.56 -25.58
C LEU D 46 -7.43 -11.18 -25.41
N TYR D 47 -8.01 -10.66 -26.48
CA TYR D 47 -8.74 -9.39 -26.39
C TYR D 47 -9.94 -9.48 -27.33
N PRO D 48 -11.08 -9.97 -26.82
CA PRO D 48 -12.29 -10.14 -27.64
C PRO D 48 -12.72 -8.86 -28.33
N PRO D 49 -12.68 -7.68 -27.66
CA PRO D 49 -13.14 -6.47 -28.38
C PRO D 49 -12.42 -6.25 -29.70
N TRP D 50 -11.23 -6.82 -29.88
CA TRP D 50 -10.49 -6.75 -31.15
C TRP D 50 -10.44 -8.08 -31.89
N ASP D 51 -11.23 -9.08 -31.48
CA ASP D 51 -11.23 -10.39 -32.13
C ASP D 51 -9.88 -11.12 -32.00
N LYS D 52 -9.26 -11.04 -30.83
CA LYS D 52 -8.00 -11.73 -30.55
C LYS D 52 -8.22 -12.84 -29.53
N ASN D 53 -7.88 -14.07 -29.92
CA ASN D 53 -7.90 -15.24 -29.04
C ASN D 53 -6.82 -16.20 -29.56
N PHE D 54 -5.56 -15.86 -29.28
CA PHE D 54 -4.41 -16.69 -29.62
C PHE D 54 -4.24 -17.79 -28.58
N THR D 55 -3.80 -18.96 -29.03
CA THR D 55 -3.39 -20.01 -28.10
C THR D 55 -1.94 -20.38 -28.36
N GLU D 56 -1.47 -21.39 -27.62
CA GLU D 56 -0.07 -21.81 -27.66
C GLU D 56 0.39 -22.07 -29.10
N ASN D 57 -0.45 -22.71 -29.91
CA ASN D 57 0.03 -23.13 -31.22
C ASN D 57 0.10 -21.99 -32.23
N ASP D 58 -0.48 -20.83 -31.93
CA ASP D 58 -0.48 -19.68 -32.85
C ASP D 58 0.73 -18.79 -32.70
N LEU D 59 1.64 -19.08 -31.76
CA LEU D 59 2.64 -18.12 -31.34
C LEU D 59 4.02 -18.75 -31.27
N LEU D 60 5.02 -17.89 -31.31
CA LEU D 60 6.37 -18.26 -30.91
C LEU D 60 7.02 -17.06 -30.24
N VAL D 61 8.11 -17.31 -29.51
CA VAL D 61 8.84 -16.23 -28.84
C VAL D 61 10.28 -16.27 -29.30
N ARG D 62 10.94 -15.11 -29.22
CA ARG D 62 12.37 -15.02 -29.48
C ARG D 62 13.05 -14.36 -28.30
N ILE D 63 14.17 -14.93 -27.87
CA ILE D 63 14.85 -14.54 -26.65
C ILE D 63 16.29 -14.18 -26.98
N GLY D 64 16.75 -13.08 -26.36
CA GLY D 64 18.14 -12.65 -26.46
C GLY D 64 18.42 -11.66 -27.56
N LYS D 65 17.40 -11.03 -28.11
CA LYS D 65 17.56 -10.22 -29.29
C LYS D 65 17.86 -8.76 -28.97
N HIS D 66 18.53 -8.11 -29.93
CA HIS D 66 18.83 -6.69 -29.86
C HIS D 66 18.19 -5.94 -31.02
N SER D 67 18.53 -6.30 -32.26
CA SER D 67 17.91 -5.66 -33.42
C SER D 67 16.60 -6.34 -33.75
N ARG D 68 15.55 -5.52 -33.95
CA ARG D 68 14.23 -6.07 -34.27
C ARG D 68 14.27 -6.92 -35.53
N THR D 69 15.06 -6.51 -36.51
CA THR D 69 15.03 -7.07 -37.85
C THR D 69 16.15 -8.09 -38.07
N ARG D 70 17.40 -7.64 -38.01
CA ARG D 70 18.51 -8.50 -38.37
C ARG D 70 18.59 -9.76 -37.49
N TYR D 71 18.82 -10.90 -38.14
CA TYR D 71 19.00 -12.17 -37.42
C TYR D 71 20.39 -12.24 -36.81
N GLU D 72 20.46 -12.71 -35.56
CA GLU D 72 21.67 -12.61 -34.74
C GLU D 72 22.21 -14.01 -34.39
N ARG D 73 23.13 -14.49 -35.25
CA ARG D 73 23.70 -15.86 -35.14
C ARG D 73 24.28 -16.16 -33.77
N ASN D 74 23.93 -17.33 -33.21
CA ASN D 74 24.45 -17.78 -31.92
C ASN D 74 24.08 -16.84 -30.78
N ILE D 75 23.28 -15.81 -31.02
CA ILE D 75 22.81 -14.97 -29.93
C ILE D 75 21.38 -15.37 -29.60
N GLU D 76 20.49 -15.14 -30.57
CA GLU D 76 19.06 -15.29 -30.33
C GLU D 76 18.63 -16.75 -30.39
N LYS D 77 17.57 -17.05 -29.65
CA LYS D 77 16.98 -18.38 -29.66
C LYS D 77 15.48 -18.26 -29.92
N ILE D 78 14.94 -19.22 -30.66
CA ILE D 78 13.52 -19.25 -30.98
C ILE D 78 12.91 -20.33 -30.12
N SER D 79 11.70 -20.09 -29.64
CA SER D 79 11.03 -21.13 -28.89
C SER D 79 9.54 -21.13 -29.13
N MET D 80 8.98 -22.34 -29.14
CA MET D 80 7.55 -22.52 -29.17
C MET D 80 7.03 -22.57 -27.74
N LEU D 81 5.72 -22.55 -27.62
CA LEU D 81 5.04 -22.49 -26.34
C LEU D 81 4.32 -23.80 -26.12
N GLU D 82 4.52 -24.41 -24.96
CA GLU D 82 3.67 -25.55 -24.61
C GLU D 82 2.30 -25.07 -24.13
N LYS D 83 2.26 -24.05 -23.28
CA LYS D 83 0.94 -23.69 -22.78
C LYS D 83 0.83 -22.21 -22.43
N ILE D 84 -0.39 -21.70 -22.53
CA ILE D 84 -0.75 -20.32 -22.19
C ILE D 84 -1.67 -20.36 -20.96
N TYR D 85 -1.42 -19.47 -19.99
CA TYR D 85 -2.25 -19.38 -18.79
C TYR D 85 -2.63 -17.92 -18.57
N ILE D 86 -3.89 -17.59 -18.81
CA ILE D 86 -4.44 -16.27 -18.53
C ILE D 86 -4.97 -16.24 -17.11
N HIS D 87 -4.82 -15.11 -16.45
CA HIS D 87 -5.42 -14.95 -15.14
C HIS D 87 -6.94 -15.10 -15.26
N PRO D 88 -7.57 -15.92 -14.43
CA PRO D 88 -9.02 -16.15 -14.58
C PRO D 88 -9.86 -14.90 -14.37
N ARG D 89 -9.39 -13.89 -13.63
CA ARG D 89 -10.17 -12.68 -13.42
C ARG D 89 -9.69 -11.50 -14.27
N TYR D 90 -8.92 -11.78 -15.33
CA TYR D 90 -8.56 -10.76 -16.30
C TYR D 90 -9.82 -10.12 -16.86
N ASN D 91 -9.89 -8.80 -16.79
CA ASN D 91 -11.10 -8.08 -17.11
C ASN D 91 -10.86 -7.33 -18.39
N TRP D 92 -11.09 -8.00 -19.51
CA TRP D 92 -10.95 -7.34 -20.80
C TRP D 92 -12.20 -6.55 -21.19
N ARG D 93 -13.31 -6.72 -20.48
CA ARG D 93 -14.51 -5.96 -20.82
C ARG D 93 -14.35 -4.50 -20.40
N GLU D 94 -13.80 -4.29 -19.20
CA GLU D 94 -13.87 -3.00 -18.53
C GLU D 94 -12.59 -2.21 -18.78
N ASN D 95 -11.52 -2.62 -18.07
CA ASN D 95 -10.38 -1.74 -17.88
C ASN D 95 -9.05 -2.48 -17.87
N LEU D 96 -9.00 -3.71 -18.38
CA LEU D 96 -7.77 -4.50 -18.39
C LEU D 96 -7.26 -4.79 -16.99
N ASP D 97 -8.15 -4.92 -16.00
CA ASP D 97 -7.69 -5.32 -14.68
C ASP D 97 -7.10 -6.72 -14.73
N ARG D 98 -5.96 -6.89 -14.06
CA ARG D 98 -5.23 -8.16 -14.04
C ARG D 98 -4.78 -8.56 -15.43
N ASP D 99 -4.17 -7.61 -16.15
CA ASP D 99 -3.68 -7.85 -17.51
C ASP D 99 -2.35 -8.60 -17.43
N ILE D 100 -2.44 -9.91 -17.17
CA ILE D 100 -1.26 -10.73 -16.94
C ILE D 100 -1.49 -12.14 -17.49
N ALA D 101 -0.40 -12.77 -17.95
CA ALA D 101 -0.45 -14.09 -18.56
C ALA D 101 0.92 -14.75 -18.47
N LEU D 102 0.90 -16.07 -18.38
CA LEU D 102 2.11 -16.87 -18.32
C LEU D 102 2.20 -17.77 -19.54
N MET D 103 3.41 -17.92 -20.06
CA MET D 103 3.64 -18.78 -21.20
C MET D 103 4.74 -19.75 -20.84
N LYS D 104 4.45 -21.04 -20.99
CA LYS D 104 5.41 -22.10 -20.74
C LYS D 104 5.98 -22.53 -22.08
N LEU D 105 7.30 -22.44 -22.17
CA LEU D 105 8.03 -22.83 -23.36
C LEU D 105 7.99 -24.34 -23.50
N LYS D 106 7.98 -24.80 -24.77
CA LYS D 106 8.03 -26.23 -25.06
C LYS D 106 9.28 -26.88 -24.49
N LYS D 107 10.42 -26.18 -24.58
CA LYS D 107 11.71 -26.66 -24.10
C LYS D 107 12.42 -25.55 -23.34
N PRO D 108 13.07 -25.88 -22.23
CA PRO D 108 13.85 -24.86 -21.52
C PRO D 108 14.87 -24.23 -22.45
N VAL D 109 15.04 -22.92 -22.33
CA VAL D 109 16.03 -22.18 -23.09
C VAL D 109 17.32 -22.13 -22.28
N ALA D 110 18.46 -22.09 -22.96
CA ALA D 110 19.74 -22.04 -22.25
C ALA D 110 20.13 -20.60 -21.95
N PHE D 111 20.61 -20.36 -20.74
CA PHE D 111 21.04 -19.02 -20.38
C PHE D 111 22.39 -18.71 -20.99
N SER D 112 22.66 -17.43 -21.15
CA SER D 112 23.87 -16.98 -21.81
C SER D 112 24.15 -15.55 -21.38
N ASP D 113 25.12 -14.93 -22.03
CA ASP D 113 25.36 -13.52 -21.80
C ASP D 113 24.18 -12.65 -22.23
N TYR D 114 23.31 -13.17 -23.10
CA TYR D 114 22.22 -12.40 -23.69
C TYR D 114 20.84 -12.84 -23.24
N ILE D 115 20.75 -13.92 -22.49
CA ILE D 115 19.49 -14.53 -22.12
C ILE D 115 19.58 -14.86 -20.63
N HIS D 116 18.83 -14.13 -19.84
CA HIS D 116 18.97 -14.29 -18.40
C HIS D 116 17.72 -13.80 -17.68
N PRO D 117 17.20 -14.57 -16.73
CA PRO D 117 15.91 -14.25 -16.12
C PRO D 117 16.00 -13.12 -15.10
N VAL D 118 14.90 -12.36 -15.00
CA VAL D 118 14.73 -11.27 -14.04
C VAL D 118 14.05 -11.84 -12.78
N CYS D 119 14.27 -11.20 -11.63
CA CYS D 119 13.65 -11.62 -10.38
C CYS D 119 12.22 -11.09 -10.29
N LEU D 120 11.40 -11.83 -9.66
CA LEU D 120 10.14 -11.25 -9.20
C LEU D 120 10.29 -10.71 -7.79
N PRO D 121 9.62 -9.62 -7.44
CA PRO D 121 9.82 -9.00 -6.13
C PRO D 121 9.11 -9.74 -5.01
N ASP D 122 9.75 -9.74 -3.84
CA ASP D 122 9.11 -10.12 -2.58
C ASP D 122 8.32 -8.94 -2.03
N ARG D 123 7.65 -9.13 -0.89
CA ARG D 123 6.80 -8.08 -0.36
C ARG D 123 7.62 -6.86 0.06
N GLU D 124 8.69 -7.06 0.84
CA GLU D 124 9.50 -5.92 1.30
C GLU D 124 10.06 -5.13 0.13
N THR D 125 10.62 -5.83 -0.87
CA THR D 125 11.17 -5.14 -2.03
C THR D 125 10.10 -4.31 -2.73
N ALA D 126 8.94 -4.93 -2.96
CA ALA D 126 7.87 -4.22 -3.66
C ALA D 126 7.41 -2.99 -2.88
N ALA D 127 7.29 -3.10 -1.56
CA ALA D 127 6.84 -1.97 -0.78
C ALA D 127 7.89 -0.86 -0.79
N SER D 128 9.18 -1.23 -0.78
CA SER D 128 10.27 -0.25 -0.73
C SER D 128 10.45 0.47 -2.04
N LEU D 129 10.30 -0.22 -3.17
CA LEU D 129 10.63 0.34 -4.48
C LEU D 129 9.43 0.92 -5.22
N LEU D 130 8.23 0.37 -5.04
CA LEU D 130 7.05 0.88 -5.73
C LEU D 130 6.49 2.12 -5.03
N GLN D 131 7.25 3.21 -5.12
CA GLN D 131 6.88 4.45 -4.44
C GLN D 131 6.97 5.62 -5.40
N ALA D 132 6.01 6.54 -5.32
CA ALA D 132 6.00 7.74 -6.16
C ALA D 132 7.36 8.45 -6.12
N GLY D 133 7.78 8.93 -7.29
CA GLY D 133 9.08 9.55 -7.48
C GLY D 133 10.22 8.60 -7.82
N TYR D 134 10.15 7.34 -7.37
CA TYR D 134 11.18 6.38 -7.75
C TYR D 134 11.06 5.99 -9.22
N LYS D 135 12.20 5.79 -9.88
CA LYS D 135 12.22 5.56 -11.31
C LYS D 135 12.42 4.09 -11.59
N GLY D 136 11.66 3.59 -12.56
CA GLY D 136 11.85 2.26 -13.11
C GLY D 136 12.19 2.36 -14.59
N ARG D 137 12.40 1.18 -15.20
CA ARG D 137 12.89 1.15 -16.57
C ARG D 137 11.96 0.30 -17.42
N VAL D 138 11.63 0.81 -18.61
CA VAL D 138 10.72 0.16 -19.55
C VAL D 138 11.43 -0.04 -20.87
N THR D 139 11.23 -1.21 -21.47
CA THR D 139 11.93 -1.63 -22.67
C THR D 139 10.94 -2.27 -23.63
N GLY D 140 11.14 -2.04 -24.93
CA GLY D 140 10.29 -2.65 -25.92
C GLY D 140 10.68 -2.26 -27.33
N TRP D 141 10.13 -3.02 -28.30
CA TRP D 141 10.22 -2.76 -29.73
C TRP D 141 8.95 -2.11 -30.28
N GLY D 142 8.10 -1.56 -29.42
CA GLY D 142 6.88 -0.89 -29.87
C GLY D 142 7.16 0.44 -30.57
N ASN D 143 6.08 1.08 -30.98
CA ASN D 143 6.15 2.32 -31.76
C ASN D 143 6.92 3.41 -31.04
N LEU D 144 7.67 4.19 -31.82
CA LEU D 144 8.42 5.32 -31.28
C LEU D 144 7.56 6.57 -31.09
N LYS D 145 6.42 6.66 -31.76
CA LYS D 145 5.52 7.79 -31.56
C LYS D 145 4.08 7.31 -31.70
N GLU D 146 3.16 8.06 -31.10
CA GLU D 146 1.73 7.90 -31.34
C GLU D 146 1.46 8.21 -32.82
N THR D 147 0.81 7.28 -33.52
CA THR D 147 0.66 7.32 -34.98
C THR D 147 0.56 8.73 -35.58
N GLY D 155 8.84 4.49 -37.85
CA GLY D 155 8.00 4.37 -36.68
C GLY D 155 8.29 3.18 -35.77
N GLN D 156 8.98 2.17 -36.30
CA GLN D 156 9.35 1.02 -35.51
C GLN D 156 10.86 1.00 -35.30
N PRO D 157 11.35 0.89 -34.08
CA PRO D 157 12.80 1.00 -33.87
C PRO D 157 13.52 -0.20 -34.46
N SER D 158 14.79 0.02 -34.78
CA SER D 158 15.64 -1.05 -35.30
C SER D 158 16.20 -1.90 -34.17
N VAL D 159 16.59 -1.25 -33.07
CA VAL D 159 17.12 -1.95 -31.91
C VAL D 159 16.25 -1.60 -30.73
N LEU D 160 16.26 -2.49 -29.74
CA LEU D 160 15.45 -2.39 -28.53
C LEU D 160 15.50 -1.00 -27.89
N GLN D 161 14.34 -0.51 -27.48
CA GLN D 161 14.29 0.81 -26.86
C GLN D 161 14.11 0.73 -25.34
N VAL D 162 14.65 1.74 -24.67
CA VAL D 162 14.70 1.78 -23.22
C VAL D 162 14.43 3.21 -22.76
N VAL D 163 13.69 3.35 -21.65
CA VAL D 163 13.37 4.64 -21.07
C VAL D 163 13.12 4.45 -19.57
N ASN D 164 13.61 5.41 -18.76
CA ASN D 164 13.41 5.44 -17.32
C ASN D 164 12.29 6.41 -16.99
N LEU D 165 11.36 6.00 -16.14
CA LEU D 165 10.21 6.80 -15.83
C LEU D 165 9.86 6.67 -14.35
N PRO D 166 9.45 7.75 -13.70
CA PRO D 166 9.12 7.69 -12.27
C PRO D 166 7.73 7.12 -12.01
N ILE D 167 7.62 6.34 -10.93
CA ILE D 167 6.30 5.98 -10.43
C ILE D 167 5.56 7.24 -10.01
N VAL D 168 4.26 7.27 -10.27
CA VAL D 168 3.39 8.44 -10.06
C VAL D 168 2.45 8.18 -8.90
N GLU D 169 2.16 9.22 -8.12
CA GLU D 169 1.14 9.18 -7.08
C GLU D 169 -0.16 8.57 -7.59
N ARG D 170 -0.71 7.62 -6.82
CA ARG D 170 -1.95 6.96 -7.23
C ARG D 170 -3.13 7.90 -7.42
N PRO D 171 -3.32 8.97 -6.62
CA PRO D 171 -4.39 9.94 -6.94
C PRO D 171 -4.17 10.65 -8.26
N VAL D 172 -2.94 11.02 -8.61
CA VAL D 172 -2.68 11.54 -9.94
C VAL D 172 -3.05 10.50 -11.01
N CYS D 173 -2.69 9.22 -10.77
CA CYS D 173 -3.04 8.15 -11.71
C CYS D 173 -4.54 8.08 -11.93
N LYS D 174 -5.29 8.12 -10.84
CA LYS D 174 -6.78 8.08 -10.93
C LYS D 174 -7.31 9.31 -11.67
N ASP D 175 -6.87 10.51 -11.31
CA ASP D 175 -7.45 11.71 -11.92
C ASP D 175 -6.97 11.91 -13.33
N SER D 176 -5.95 11.16 -13.78
CA SER D 176 -5.43 11.41 -15.13
C SER D 176 -6.35 10.83 -16.21
N THR D 177 -7.27 9.97 -15.84
CA THR D 177 -8.00 9.19 -16.83
C THR D 177 -9.43 8.98 -16.37
N ARG D 178 -10.31 8.75 -17.34
CA ARG D 178 -11.68 8.38 -17.00
C ARG D 178 -11.86 6.88 -16.79
N ILE D 179 -10.89 6.07 -17.24
CA ILE D 179 -10.95 4.62 -17.05
C ILE D 179 -10.76 4.29 -15.57
N ARG D 180 -11.58 3.37 -15.05
CA ARG D 180 -11.50 2.99 -13.64
C ARG D 180 -10.23 2.16 -13.42
N ILE D 181 -9.27 2.72 -12.65
CA ILE D 181 -8.05 2.01 -12.34
C ILE D 181 -8.25 1.21 -11.06
N THR D 182 -7.40 0.20 -10.86
CA THR D 182 -7.50 -0.70 -9.73
C THR D 182 -6.13 -0.79 -9.05
N ASP D 183 -6.12 -1.42 -7.88
CA ASP D 183 -4.87 -1.64 -7.15
C ASP D 183 -3.96 -2.65 -7.84
N ASN D 184 -4.45 -3.30 -8.90
CA ASN D 184 -3.62 -4.21 -9.69
C ASN D 184 -2.88 -3.48 -10.78
N MET D 185 -3.00 -2.15 -10.82
CA MET D 185 -2.26 -1.32 -11.75
C MET D 185 -1.50 -0.26 -10.97
N PHE D 186 -0.40 0.21 -11.56
CA PHE D 186 0.24 1.45 -11.14
C PHE D 186 0.57 2.25 -12.39
N CYS D 187 0.79 3.55 -12.24
CA CYS D 187 1.08 4.30 -13.45
C CYS D 187 2.43 5.01 -13.31
N ALA D 188 3.00 5.41 -14.45
CA ALA D 188 4.31 6.04 -14.45
C ALA D 188 4.44 6.97 -15.65
N GLY D 189 5.41 7.85 -15.54
CA GLY D 189 5.63 8.93 -16.49
C GLY D 189 5.91 10.24 -15.77
N TYR D 190 6.47 11.20 -16.50
CA TYR D 190 6.75 12.51 -15.95
C TYR D 190 5.49 13.38 -16.02
N LYS D 191 5.31 14.23 -15.01
CA LYS D 191 4.27 15.25 -15.09
C LYS D 191 4.70 16.34 -16.06
N PRO D 192 3.75 17.11 -16.59
CA PRO D 192 4.10 18.07 -17.65
C PRO D 192 5.12 19.12 -17.23
N ASP D 193 5.11 19.52 -15.96
CA ASP D 193 6.04 20.54 -15.48
C ASP D 193 7.47 20.03 -15.38
N GLU D 194 7.68 18.71 -15.28
CA GLU D 194 8.97 18.12 -15.00
C GLU D 194 9.94 18.12 -16.18
N GLY D 195 9.52 18.54 -17.36
CA GLY D 195 10.47 18.75 -18.43
C GLY D 195 11.25 17.56 -18.93
N LYS D 196 10.96 16.36 -18.46
CA LYS D 196 11.38 15.16 -19.15
C LYS D 196 10.14 14.47 -19.73
N ARG D 197 10.35 13.62 -20.73
CA ARG D 197 9.27 12.93 -21.41
C ARG D 197 9.60 11.45 -21.42
N GLY D 198 8.72 10.67 -22.05
CA GLY D 198 8.90 9.24 -22.12
C GLY D 198 7.65 8.45 -21.82
N ASP D 199 7.45 7.34 -22.53
CA ASP D 199 6.26 6.53 -22.36
C ASP D 199 6.44 5.22 -23.13
N ALA D 200 5.69 4.20 -22.71
CA ALA D 200 5.49 3.08 -23.60
C ALA D 200 4.43 3.45 -24.63
N CYS D 201 4.29 2.62 -25.67
CA CYS D 201 3.33 2.89 -26.73
C CYS D 201 2.84 1.58 -27.34
N GLU D 202 2.06 1.68 -28.41
CA GLU D 202 1.52 0.50 -29.06
C GLU D 202 2.64 -0.48 -29.40
N GLY D 203 2.47 -1.73 -29.02
CA GLY D 203 3.45 -2.75 -29.27
C GLY D 203 4.31 -3.12 -28.08
N ASP D 204 4.45 -2.22 -27.10
CA ASP D 204 5.27 -2.50 -25.93
C ASP D 204 4.57 -3.37 -24.87
N SER D 205 3.26 -3.63 -24.99
CA SER D 205 2.55 -4.41 -23.97
C SER D 205 3.21 -5.76 -23.72
N GLY D 206 3.26 -6.16 -22.45
CA GLY D 206 3.94 -7.35 -22.01
C GLY D 206 5.42 -7.16 -21.69
N GLY D 207 6.02 -6.08 -22.16
CA GLY D 207 7.38 -5.78 -21.78
C GLY D 207 7.45 -5.44 -20.31
N PRO D 208 8.63 -5.56 -19.72
CA PRO D 208 8.76 -5.37 -18.28
C PRO D 208 9.05 -3.93 -17.86
N PHE D 209 8.51 -3.59 -16.69
CA PHE D 209 8.92 -2.42 -15.93
C PHE D 209 9.80 -2.93 -14.80
N VAL D 210 11.10 -2.63 -14.85
CA VAL D 210 12.05 -3.21 -13.92
C VAL D 210 12.68 -2.11 -13.06
N MET D 211 13.19 -2.53 -11.91
CA MET D 211 13.82 -1.65 -10.93
C MET D 211 15.02 -2.37 -10.34
N LYS D 212 16.12 -1.65 -10.11
CA LYS D 212 17.34 -2.24 -9.57
C LYS D 212 17.40 -1.98 -8.07
N SER D 213 17.44 -3.04 -7.29
CA SER D 213 17.35 -2.88 -5.84
C SER D 213 18.66 -2.34 -5.29
N PRO D 214 18.64 -1.25 -4.52
CA PRO D 214 19.87 -0.79 -3.87
C PRO D 214 20.32 -1.73 -2.75
N PHE D 215 19.46 -2.64 -2.29
CA PHE D 215 19.84 -3.51 -1.19
C PHE D 215 20.68 -4.69 -1.66
N ASN D 216 20.35 -5.28 -2.82
CA ASN D 216 21.13 -6.42 -3.28
C ASN D 216 21.58 -6.30 -4.73
N ASN D 217 21.41 -5.13 -5.37
CA ASN D 217 21.89 -4.89 -6.73
C ASN D 217 21.31 -5.85 -7.77
N ARG D 218 20.12 -6.40 -7.54
CA ARG D 218 19.46 -7.25 -8.51
C ARG D 218 18.33 -6.49 -9.19
N TRP D 219 18.01 -6.88 -10.42
CA TRP D 219 16.89 -6.29 -11.13
C TRP D 219 15.60 -7.05 -10.82
N TYR D 220 14.53 -6.29 -10.59
CA TYR D 220 13.24 -6.86 -10.22
C TYR D 220 12.19 -6.36 -11.20
N GLN D 221 11.34 -7.25 -11.70
CA GLN D 221 10.23 -6.81 -12.55
C GLN D 221 9.05 -6.43 -11.65
N MET D 222 8.78 -5.13 -11.55
CA MET D 222 7.65 -4.63 -10.78
C MET D 222 6.36 -4.55 -11.58
N GLY D 223 6.44 -4.45 -12.91
CA GLY D 223 5.27 -4.19 -13.71
C GLY D 223 5.34 -4.80 -15.09
N ILE D 224 4.17 -4.82 -15.75
CA ILE D 224 4.02 -5.24 -17.14
C ILE D 224 3.31 -4.14 -17.92
N VAL D 225 3.91 -3.70 -19.04
CA VAL D 225 3.29 -2.73 -19.95
C VAL D 225 1.88 -3.18 -20.30
N SER D 226 0.88 -2.36 -19.98
CA SER D 226 -0.53 -2.74 -20.16
C SER D 226 -1.31 -1.75 -21.01
N TRP D 227 -1.39 -0.47 -20.62
CA TRP D 227 -2.21 0.41 -21.44
C TRP D 227 -1.93 1.89 -21.17
N GLY D 228 -2.40 2.71 -22.11
CA GLY D 228 -2.42 4.16 -21.98
C GLY D 228 -3.38 4.71 -23.01
N GLU D 229 -3.64 6.02 -22.91
CA GLU D 229 -4.48 6.74 -23.86
C GLU D 229 -3.56 7.65 -24.65
N GLY D 230 -3.18 7.21 -25.84
CA GLY D 230 -2.11 7.87 -26.54
C GLY D 230 -0.79 7.49 -25.92
N CYS D 231 0.28 8.08 -26.44
CA CYS D 231 1.62 7.87 -25.92
C CYS D 231 2.28 9.21 -25.61
N ASP D 232 2.82 9.34 -24.39
CA ASP D 232 3.61 10.52 -23.99
C ASP D 232 2.84 11.83 -24.12
N ARG D 233 1.53 11.80 -23.88
CA ARG D 233 0.73 13.01 -23.83
C ARG D 233 0.88 13.68 -22.46
N ASP D 234 0.92 15.02 -22.47
CA ASP D 234 1.00 15.74 -21.20
C ASP D 234 -0.23 15.43 -20.35
N GLY D 235 0.01 15.19 -19.06
CA GLY D 235 -1.09 14.90 -18.16
C GLY D 235 -1.62 13.48 -18.22
N LYS D 236 -1.20 12.70 -19.22
CA LYS D 236 -1.51 11.28 -19.28
C LYS D 236 -0.32 10.48 -18.76
N TYR D 237 -0.57 9.24 -18.37
CA TYR D 237 0.47 8.37 -17.86
C TYR D 237 0.30 6.97 -18.39
N GLY D 238 1.41 6.24 -18.48
CA GLY D 238 1.33 4.83 -18.84
C GLY D 238 0.93 3.99 -17.64
N PHE D 239 0.27 2.87 -17.92
CA PHE D 239 -0.27 2.01 -16.87
C PHE D 239 0.29 0.60 -17.01
N TYR D 240 0.64 0.04 -15.85
CA TYR D 240 1.40 -1.19 -15.72
C TYR D 240 0.71 -2.15 -14.78
N THR D 241 0.67 -3.41 -15.18
CA THR D 241 0.17 -4.47 -14.32
C THR D 241 1.10 -4.61 -13.11
N HIS D 242 0.51 -4.63 -11.93
CA HIS D 242 1.24 -4.70 -10.66
C HIS D 242 1.69 -6.14 -10.42
N VAL D 243 2.97 -6.44 -10.66
CA VAL D 243 3.40 -7.83 -10.62
C VAL D 243 3.27 -8.42 -9.22
N PHE D 244 3.64 -7.68 -8.17
CA PHE D 244 3.60 -8.32 -6.85
C PHE D 244 2.17 -8.69 -6.42
N ARG D 245 1.18 -7.83 -6.71
CA ARG D 245 -0.19 -8.15 -6.29
C ARG D 245 -0.68 -9.47 -6.86
N LEU D 246 -0.16 -9.91 -8.00
CA LEU D 246 -0.61 -11.15 -8.60
C LEU D 246 0.43 -12.25 -8.47
N LYS D 247 1.47 -12.02 -7.66
CA LYS D 247 2.55 -13.00 -7.58
C LYS D 247 2.02 -14.36 -7.14
N LYS D 248 1.10 -14.35 -6.18
CA LYS D 248 0.42 -15.55 -5.73
C LYS D 248 -0.01 -16.42 -6.90
N TRP D 249 -0.82 -15.85 -7.79
CA TRP D 249 -1.31 -16.60 -8.95
C TRP D 249 -0.14 -17.13 -9.76
N ILE D 250 0.85 -16.25 -9.98
CA ILE D 250 2.04 -16.64 -10.71
C ILE D 250 2.61 -17.93 -10.13
N GLN D 251 2.87 -17.93 -8.81
CA GLN D 251 3.50 -19.09 -8.20
C GLN D 251 2.62 -20.32 -8.35
N LYS D 252 1.31 -20.15 -8.10
CA LYS D 252 0.39 -21.26 -8.26
C LYS D 252 0.61 -21.91 -9.62
N VAL D 253 0.53 -21.10 -10.68
CA VAL D 253 0.68 -21.63 -12.04
C VAL D 253 2.03 -22.34 -12.16
N ILE D 254 3.09 -21.67 -11.73
CA ILE D 254 4.44 -22.21 -11.90
C ILE D 254 4.56 -23.52 -11.18
N ASP D 255 3.96 -23.61 -9.97
CA ASP D 255 4.12 -24.84 -9.22
C ASP D 255 3.32 -25.95 -9.86
N GLN D 256 2.14 -25.61 -10.37
CA GLN D 256 1.26 -26.66 -10.83
C GLN D 256 1.72 -27.25 -12.17
N PHE D 257 2.15 -26.40 -13.10
CA PHE D 257 2.48 -26.83 -14.45
C PHE D 257 3.94 -26.68 -14.81
N GLY D 258 4.82 -26.36 -13.86
CA GLY D 258 6.23 -26.22 -14.20
C GLY D 258 6.83 -27.47 -14.83
N GLU D 259 6.39 -28.64 -14.39
CA GLU D 259 7.08 -29.88 -14.72
C GLU D 259 6.67 -30.37 -16.10
N TYR D 260 7.66 -30.81 -16.86
CA TYR D 260 7.40 -31.42 -18.14
C TYR D 260 7.06 -32.89 -17.94
N LEU D 261 6.38 -33.47 -18.92
CA LEU D 261 5.93 -34.86 -18.79
C LEU D 261 7.11 -35.83 -18.65
N GLU D 262 8.22 -35.58 -19.34
CA GLU D 262 9.39 -36.43 -19.16
C GLU D 262 9.99 -36.30 -17.77
N ASP D 263 9.60 -35.28 -17.02
CA ASP D 263 10.06 -35.13 -15.65
C ASP D 263 9.23 -35.93 -14.66
N GLN D 264 8.03 -36.41 -15.02
CA GLN D 264 7.21 -37.04 -14.00
C GLN D 264 7.03 -38.54 -14.20
N VAL D 265 8.10 -39.28 -14.48
CA VAL D 265 7.96 -40.71 -14.69
C VAL D 265 8.21 -41.48 -13.39
N PHE E 1 -20.80 13.97 12.35
CA PHE E 1 -21.34 13.06 13.36
C PHE E 1 -20.45 11.79 13.43
N PRO E 2 -20.72 10.40 12.91
CA PRO E 2 -19.61 9.25 13.21
C PRO E 2 -18.26 9.67 12.69
N PHE F 1 -5.55 2.79 -26.00
CA PHE F 1 -6.01 2.10 -24.80
C PHE F 1 -5.22 0.78 -24.66
N PRO F 2 -5.68 -0.65 -24.92
CA PRO F 2 -4.64 -1.85 -24.60
C PRO F 2 -3.36 -1.65 -25.36
#